data_5HOS
#
_entry.id   5HOS
#
_cell.length_a   85.604
_cell.length_b   85.604
_cell.length_c   84.423
_cell.angle_alpha   90.000
_cell.angle_beta   90.000
_cell.angle_gamma   120.000
#
_symmetry.space_group_name_H-M   'P 32 2 1'
#
loop_
_entity.id
_entity.type
_entity.pdbx_description
1 polymer Cellulase
2 non-polymer 'SULFATE ION'
3 water water
#
_entity_poly.entity_id   1
_entity_poly.type   'polypeptide(L)'
_entity_poly.pdbx_seq_one_letter_code
;MGSSHHHHHHSSGLVPRGSHMQSATGLKYAGVNLSGAEIKSSQKPGVLNIDYRYPAADEYAYFAGKHMNTVRLPILWERL
QPRAGGELDPAQLALIRQAVANAKAAKMYVIVDVHNYAKYYGHTIGSTKVPISTFNDLWRRLAIAFKSDNAVIFGLMNEP
YDIDPQAWATAAQASIDTIRKTGATNLILVPGALWTGAHSWYSTVAGQSNAVAMASIRDPLNRYAIEAHQYLDADSSGTS
GGCVSATVGVERLRSFTEWLRLNKKRGFLAEFGTGNTVTCNLALNGMLGYMESNSDVWMGWSWWAAGAWWSGAYPFNVQP
DAQGRDKPQMSILSPRARRITD
;
_entity_poly.pdbx_strand_id   A
#
loop_
_chem_comp.id
_chem_comp.type
_chem_comp.name
_chem_comp.formula
SO4 non-polymer 'SULFATE ION' 'O4 S -2'
#
# COMPACT_ATOMS: atom_id res chain seq x y z
N LEU A 27 -5.01 -2.83 -16.24
CA LEU A 27 -3.99 -2.88 -15.13
C LEU A 27 -2.78 -2.07 -15.54
N LYS A 28 -2.44 -1.07 -14.73
CA LYS A 28 -1.34 -0.15 -15.02
C LYS A 28 -0.11 -0.39 -14.15
N TYR A 29 -0.31 -0.79 -12.89
CA TYR A 29 0.77 -0.85 -11.91
C TYR A 29 0.99 -2.28 -11.41
N ALA A 30 2.25 -2.72 -11.40
CA ALA A 30 2.63 -4.02 -10.87
C ALA A 30 3.93 -3.83 -10.11
N GLY A 31 3.95 -4.21 -8.85
CA GLY A 31 5.14 -3.97 -8.08
C GLY A 31 5.24 -4.66 -6.75
N VAL A 32 6.02 -4.04 -5.87
CA VAL A 32 6.45 -4.67 -4.66
C VAL A 32 6.58 -3.65 -3.53
N ASN A 33 6.26 -4.08 -2.31
CA ASN A 33 6.52 -3.30 -1.12
C ASN A 33 7.98 -3.43 -0.74
N LEU A 34 8.67 -2.31 -0.57
CA LEU A 34 10.02 -2.30 -0.03
C LEU A 34 9.94 -1.86 1.41
N SER A 35 9.89 -2.85 2.30
CA SER A 35 9.77 -2.64 3.72
C SER A 35 11.13 -2.27 4.30
N GLY A 36 11.15 -1.37 5.27
CA GLY A 36 12.38 -0.95 5.93
C GLY A 36 12.32 0.38 6.65
N ALA A 37 11.63 1.38 6.09
CA ALA A 37 11.58 2.72 6.69
C ALA A 37 10.53 2.83 7.81
N GLU A 38 9.60 1.87 7.85
CA GLU A 38 8.49 1.87 8.81
C GLU A 38 8.75 1.05 10.08
N ILE A 39 9.82 0.26 10.07
CA ILE A 39 10.04 -0.75 11.13
C ILE A 39 10.55 -0.17 12.45
N LYS A 40 10.49 -1.00 13.48
CA LYS A 40 10.90 -0.65 14.86
C LYS A 40 10.26 0.66 15.27
N SER A 41 8.92 0.69 15.17
CA SER A 41 8.17 1.94 15.36
C SER A 41 8.24 2.51 16.78
N SER A 42 8.60 1.69 17.77
CA SER A 42 8.85 2.19 19.12
C SER A 42 10.01 3.20 19.19
N GLN A 43 10.90 3.15 18.20
CA GLN A 43 12.04 4.09 18.11
C GLN A 43 11.66 5.36 17.34
N LYS A 44 11.32 6.41 18.09
CA LYS A 44 10.96 7.72 17.54
C LYS A 44 11.94 8.77 18.09
N PRO A 45 12.70 9.44 17.20
CA PRO A 45 12.70 9.34 15.74
C PRO A 45 13.32 8.05 15.20
N GLY A 46 14.16 7.38 16.00
CA GLY A 46 14.94 6.25 15.52
C GLY A 46 16.13 6.77 14.74
N VAL A 47 17.07 5.88 14.45
CA VAL A 47 18.33 6.26 13.81
C VAL A 47 18.45 5.53 12.47
N LEU A 48 18.66 6.30 11.40
CA LEU A 48 18.81 5.76 10.06
C LEU A 48 19.97 4.78 9.98
N ASN A 49 19.71 3.63 9.35
CA ASN A 49 20.67 2.53 9.18
C ASN A 49 20.99 1.71 10.43
N ILE A 50 20.22 1.93 11.51
CA ILE A 50 20.30 1.14 12.74
C ILE A 50 18.88 0.59 13.04
N ASP A 51 17.93 1.50 13.27
CA ASP A 51 16.53 1.12 13.54
C ASP A 51 15.69 0.91 12.28
N TYR A 52 16.00 1.65 11.21
CA TYR A 52 15.28 1.56 9.95
C TYR A 52 16.21 1.96 8.79
N ARG A 53 15.76 1.70 7.56
CA ARG A 53 16.56 1.96 6.35
C ARG A 53 15.64 2.36 5.21
N TYR A 54 16.22 3.05 4.22
CA TYR A 54 15.59 3.24 2.93
C TYR A 54 16.30 2.34 1.90
N PRO A 55 15.63 2.01 0.79
CA PRO A 55 16.25 1.12 -0.19
C PRO A 55 17.47 1.73 -0.92
N ALA A 56 18.46 0.91 -1.22
CA ALA A 56 19.55 1.30 -2.11
C ALA A 56 19.01 1.50 -3.52
N ALA A 57 19.68 2.31 -4.33
CA ALA A 57 19.24 2.59 -5.70
C ALA A 57 19.13 1.32 -6.56
N ASP A 58 20.05 0.37 -6.38
CA ASP A 58 20.02 -0.87 -7.18
C ASP A 58 18.88 -1.84 -6.82
N GLU A 59 18.22 -1.63 -5.68
CA GLU A 59 17.03 -2.41 -5.34
C GLU A 59 15.90 -2.13 -6.34
N TYR A 60 15.77 -0.86 -6.74
CA TYR A 60 14.77 -0.47 -7.73
C TYR A 60 15.11 -1.09 -9.08
N ALA A 61 16.37 -0.99 -9.49
CA ALA A 61 16.83 -1.59 -10.76
C ALA A 61 16.54 -3.09 -10.82
N TYR A 62 16.75 -3.81 -9.70
CA TYR A 62 16.44 -5.24 -9.67
C TYR A 62 14.97 -5.52 -10.00
N PHE A 63 14.06 -4.84 -9.32
CA PHE A 63 12.63 -5.11 -9.51
C PHE A 63 12.14 -4.62 -10.86
N ALA A 64 12.71 -3.53 -11.37
CA ALA A 64 12.45 -3.09 -12.74
C ALA A 64 12.90 -4.13 -13.76
N GLY A 65 14.05 -4.75 -13.51
CA GLY A 65 14.55 -5.84 -14.36
C GLY A 65 13.62 -7.05 -14.38
N LYS A 66 12.88 -7.24 -13.29
CA LYS A 66 11.82 -8.26 -13.22
C LYS A 66 10.46 -7.77 -13.73
N HIS A 67 10.45 -6.64 -14.46
CA HIS A 67 9.28 -6.09 -15.15
C HIS A 67 8.23 -5.44 -14.24
N MET A 68 8.61 -5.13 -13.00
CA MET A 68 7.74 -4.36 -12.10
C MET A 68 7.95 -2.90 -12.37
N ASN A 69 6.88 -2.12 -12.29
CA ASN A 69 6.98 -0.67 -12.45
C ASN A 69 6.61 0.15 -11.21
N THR A 70 6.39 -0.51 -10.07
CA THR A 70 5.90 0.19 -8.87
C THR A 70 6.60 -0.32 -7.61
N VAL A 71 6.96 0.62 -6.74
CA VAL A 71 7.41 0.34 -5.38
C VAL A 71 6.41 0.98 -4.44
N ARG A 72 5.89 0.20 -3.50
CA ARG A 72 5.15 0.78 -2.38
C ARG A 72 6.17 0.95 -1.27
N LEU A 73 6.26 2.18 -0.78
CA LEU A 73 7.26 2.55 0.21
C LEU A 73 6.61 2.94 1.54
N PRO A 74 6.56 1.99 2.49
CA PRO A 74 6.07 2.31 3.81
C PRO A 74 7.01 3.29 4.54
N ILE A 75 6.42 4.36 5.08
CA ILE A 75 7.12 5.31 5.93
C ILE A 75 6.30 5.52 7.20
N LEU A 76 6.96 5.95 8.28
CA LEU A 76 6.29 6.23 9.53
C LEU A 76 5.93 7.69 9.64
N TRP A 77 4.65 7.97 9.86
CA TRP A 77 4.17 9.35 10.04
C TRP A 77 5.06 10.14 11.00
N GLU A 78 5.37 9.55 12.15
CA GLU A 78 6.09 10.25 13.21
C GLU A 78 7.53 10.57 12.85
N ARG A 79 8.14 9.77 11.97
CA ARG A 79 9.47 10.06 11.45
C ARG A 79 9.43 11.21 10.43
N LEU A 80 8.40 11.23 9.59
CA LEU A 80 8.25 12.29 8.60
C LEU A 80 7.73 13.61 9.17
N GLN A 81 6.84 13.54 10.17
CA GLN A 81 6.26 14.73 10.80
C GLN A 81 6.21 14.51 12.31
N PRO A 82 7.30 14.84 13.00
CA PRO A 82 7.41 14.55 14.44
C PRO A 82 6.42 15.29 15.37
N ARG A 83 5.86 16.41 14.91
CA ARG A 83 4.90 17.19 15.70
C ARG A 83 3.65 17.46 14.90
N ALA A 84 2.49 17.34 15.56
CA ALA A 84 1.20 17.59 14.93
C ALA A 84 1.17 18.99 14.33
N GLY A 85 0.86 19.07 13.04
CA GLY A 85 0.76 20.35 12.37
C GLY A 85 2.09 21.02 12.04
N GLY A 86 3.20 20.33 12.34
CA GLY A 86 4.53 20.88 12.18
C GLY A 86 5.12 20.65 10.80
N GLU A 87 6.31 21.22 10.61
CA GLU A 87 7.05 21.08 9.37
C GLU A 87 7.46 19.63 9.22
N LEU A 88 7.49 19.16 7.97
CA LEU A 88 8.02 17.83 7.70
C LEU A 88 9.51 17.81 8.03
N ASP A 89 9.97 16.73 8.64
CA ASP A 89 11.36 16.57 9.00
C ASP A 89 12.24 16.65 7.74
N PRO A 90 13.17 17.64 7.67
CA PRO A 90 13.99 17.78 6.46
C PRO A 90 14.70 16.50 5.98
N ALA A 91 15.33 15.76 6.88
CA ALA A 91 16.04 14.54 6.49
C ALA A 91 15.12 13.44 5.96
N GLN A 92 13.98 13.24 6.63
CA GLN A 92 13.05 12.19 6.24
C GLN A 92 12.44 12.53 4.88
N LEU A 93 12.08 13.80 4.69
CA LEU A 93 11.58 14.24 3.40
C LEU A 93 12.61 14.05 2.28
N ALA A 94 13.87 14.40 2.55
CA ALA A 94 14.95 14.16 1.58
C ALA A 94 15.15 12.66 1.28
N LEU A 95 15.00 11.81 2.29
CA LEU A 95 15.05 10.35 2.05
C LEU A 95 13.96 9.90 1.09
N ILE A 96 12.75 10.41 1.27
CA ILE A 96 11.64 10.06 0.37
C ILE A 96 11.91 10.63 -1.01
N ARG A 97 12.41 11.86 -1.09
CA ARG A 97 12.80 12.43 -2.39
C ARG A 97 13.85 11.59 -3.12
N GLN A 98 14.80 11.05 -2.36
CA GLN A 98 15.81 10.16 -2.95
C GLN A 98 15.19 8.85 -3.44
N ALA A 99 14.27 8.29 -2.68
CA ALA A 99 13.54 7.09 -3.07
C ALA A 99 12.79 7.31 -4.38
N VAL A 100 12.09 8.44 -4.47
CA VAL A 100 11.38 8.80 -5.72
C VAL A 100 12.37 8.95 -6.89
N ALA A 101 13.49 9.63 -6.66
CA ALA A 101 14.52 9.78 -7.70
C ALA A 101 15.10 8.43 -8.13
N ASN A 102 15.42 7.58 -7.15
CA ASN A 102 15.89 6.23 -7.43
C ASN A 102 14.89 5.42 -8.25
N ALA A 103 13.61 5.53 -7.89
CA ALA A 103 12.55 4.85 -8.61
C ALA A 103 12.45 5.35 -10.04
N LYS A 104 12.47 6.67 -10.21
CA LYS A 104 12.43 7.26 -11.54
C LYS A 104 13.58 6.76 -12.42
N ALA A 105 14.77 6.60 -11.83
CA ALA A 105 15.94 6.10 -12.57
C ALA A 105 15.71 4.69 -13.11
N ALA A 106 14.90 3.90 -12.40
CA ALA A 106 14.51 2.57 -12.82
C ALA A 106 13.16 2.55 -13.56
N LYS A 107 12.67 3.72 -14.00
CA LYS A 107 11.36 3.90 -14.65
C LYS A 107 10.20 3.29 -13.84
N MET A 108 10.22 3.56 -12.53
CA MET A 108 9.20 3.06 -11.62
C MET A 108 8.44 4.20 -10.95
N TYR A 109 7.23 3.88 -10.50
CA TYR A 109 6.41 4.74 -9.65
C TYR A 109 6.66 4.39 -8.18
N VAL A 110 6.37 5.35 -7.29
CA VAL A 110 6.48 5.12 -5.84
C VAL A 110 5.15 5.49 -5.20
N ILE A 111 4.58 4.55 -4.45
CA ILE A 111 3.47 4.84 -3.56
C ILE A 111 4.09 5.22 -2.22
N VAL A 112 3.87 6.45 -1.79
CA VAL A 112 4.25 6.86 -0.44
C VAL A 112 3.14 6.37 0.48
N ASP A 113 3.46 5.38 1.31
CA ASP A 113 2.48 4.71 2.19
C ASP A 113 2.73 5.17 3.61
N VAL A 114 1.82 6.00 4.13
CA VAL A 114 1.89 6.43 5.52
C VAL A 114 1.41 5.21 6.32
N HIS A 115 2.37 4.52 6.93
CA HIS A 115 2.17 3.15 7.40
C HIS A 115 1.80 3.13 8.86
N ASN A 116 0.63 3.70 9.17
CA ASN A 116 0.31 4.10 10.54
C ASN A 116 -0.98 3.59 11.20
N TYR A 117 -1.75 2.75 10.51
CA TYR A 117 -2.93 2.13 11.11
C TYR A 117 -3.92 3.17 11.69
N ALA A 118 -3.98 4.34 11.03
CA ALA A 118 -4.80 5.48 11.43
C ALA A 118 -4.51 6.02 12.83
N LYS A 119 -3.26 5.88 13.26
CA LYS A 119 -2.80 6.38 14.54
C LYS A 119 -1.59 7.31 14.39
N TYR A 120 -1.52 8.28 15.27
CA TYR A 120 -0.38 9.19 15.40
C TYR A 120 0.04 9.16 16.86
N TYR A 121 1.26 8.71 17.12
CA TYR A 121 1.76 8.41 18.47
C TYR A 121 0.75 7.56 19.28
N GLY A 122 0.18 6.55 18.61
CA GLY A 122 -0.75 5.62 19.24
C GLY A 122 -2.21 6.06 19.37
N HIS A 123 -2.53 7.30 18.98
CA HIS A 123 -3.87 7.84 19.13
C HIS A 123 -4.55 7.88 17.77
N THR A 124 -5.80 7.42 17.75
CA THR A 124 -6.52 7.24 16.51
C THR A 124 -6.99 8.59 15.96
N ILE A 125 -6.90 8.74 14.64
CA ILE A 125 -7.43 9.91 13.93
C ILE A 125 -8.92 10.04 14.25
N GLY A 126 -9.37 11.24 14.59
CA GLY A 126 -10.75 11.47 15.04
C GLY A 126 -10.92 11.57 16.54
N SER A 127 -9.94 11.09 17.31
CA SER A 127 -9.89 11.34 18.75
C SER A 127 -9.66 12.83 19.04
N THR A 128 -9.89 13.24 20.28
CA THR A 128 -9.64 14.62 20.67
C THR A 128 -8.14 14.94 20.57
N LYS A 129 -7.29 13.95 20.87
CA LYS A 129 -5.83 14.10 20.76
C LYS A 129 -5.36 14.30 19.31
N VAL A 130 -5.96 13.58 18.36
CA VAL A 130 -5.56 13.62 16.95
C VAL A 130 -6.79 13.91 16.08
N PRO A 131 -7.20 15.19 16.01
CA PRO A 131 -8.36 15.50 15.16
C PRO A 131 -8.06 15.35 13.68
N ILE A 132 -9.11 15.30 12.87
CA ILE A 132 -8.95 15.13 11.41
C ILE A 132 -7.97 16.16 10.84
N SER A 133 -8.04 17.39 11.36
CA SER A 133 -7.12 18.47 10.97
C SER A 133 -5.65 18.07 11.02
N THR A 134 -5.27 17.26 12.01
CA THR A 134 -3.90 16.78 12.11
C THR A 134 -3.49 15.89 10.91
N PHE A 135 -4.39 15.02 10.50
CA PHE A 135 -4.19 14.17 9.34
C PHE A 135 -4.17 15.00 8.06
N ASN A 136 -5.10 15.94 7.95
CA ASN A 136 -5.16 16.85 6.81
C ASN A 136 -3.83 17.59 6.59
N ASP A 137 -3.21 18.04 7.70
CA ASP A 137 -1.99 18.82 7.58
C ASP A 137 -0.83 17.99 7.03
N LEU A 138 -0.70 16.73 7.47
CA LEU A 138 0.29 15.83 6.86
C LEU A 138 0.13 15.78 5.35
N TRP A 139 -1.08 15.48 4.91
CA TRP A 139 -1.33 15.29 3.48
C TRP A 139 -1.26 16.58 2.66
N ARG A 140 -1.61 17.72 3.27
N ARG A 140 -1.60 17.72 3.27
CA ARG A 140 -1.37 19.01 2.62
CA ARG A 140 -1.38 19.01 2.64
C ARG A 140 0.11 19.18 2.30
C ARG A 140 0.10 19.22 2.32
N ARG A 141 0.96 18.95 3.30
CA ARG A 141 2.40 19.11 3.17
C ARG A 141 3.03 18.10 2.21
N LEU A 142 2.58 16.84 2.25
CA LEU A 142 3.08 15.84 1.31
C LEU A 142 2.63 16.16 -0.11
N ALA A 143 1.37 16.60 -0.25
CA ALA A 143 0.85 16.94 -1.56
C ALA A 143 1.65 18.09 -2.17
N ILE A 144 1.99 19.10 -1.35
CA ILE A 144 2.79 20.23 -1.83
C ILE A 144 4.19 19.74 -2.24
N ALA A 145 4.82 18.93 -1.40
CA ALA A 145 6.18 18.46 -1.65
C ALA A 145 6.32 17.67 -2.96
N PHE A 146 5.28 16.90 -3.31
CA PHE A 146 5.29 16.07 -4.52
C PHE A 146 4.20 16.43 -5.49
N LYS A 147 3.85 17.72 -5.50
CA LYS A 147 2.67 18.24 -6.25
C LYS A 147 2.71 17.87 -7.72
N SER A 148 1.77 17.01 -8.09
CA SER A 148 1.53 16.63 -9.47
C SER A 148 2.71 15.94 -10.16
N ASP A 149 3.59 15.35 -9.37
CA ASP A 149 4.68 14.56 -9.90
C ASP A 149 4.08 13.21 -10.22
N ASN A 150 4.00 12.88 -11.51
CA ASN A 150 3.30 11.67 -11.94
C ASN A 150 3.96 10.36 -11.49
N ALA A 151 5.21 10.40 -11.04
CA ALA A 151 5.83 9.20 -10.45
C ALA A 151 5.34 8.88 -9.06
N VAL A 152 4.71 9.83 -8.37
CA VAL A 152 4.40 9.70 -6.95
C VAL A 152 2.91 9.49 -6.74
N ILE A 153 2.59 8.41 -6.04
CA ILE A 153 1.22 8.03 -5.72
C ILE A 153 1.04 8.19 -4.20
N PHE A 154 -0.11 8.71 -3.80
CA PHE A 154 -0.38 9.02 -2.41
C PHE A 154 -1.18 7.89 -1.73
N GLY A 155 -0.49 7.10 -0.90
CA GLY A 155 -1.14 6.05 -0.10
C GLY A 155 -1.59 6.62 1.23
N LEU A 156 -2.83 7.07 1.30
CA LEU A 156 -3.33 7.84 2.46
C LEU A 156 -3.00 7.25 3.83
N MET A 157 -3.23 5.96 4.00
CA MET A 157 -3.01 5.32 5.31
C MET A 157 -2.98 3.82 5.21
N ASN A 158 -2.01 3.19 5.84
CA ASN A 158 -2.01 1.74 5.90
C ASN A 158 -3.00 1.21 6.95
N GLU A 159 -3.93 0.36 6.53
CA GLU A 159 -4.78 -0.45 7.42
C GLU A 159 -5.35 0.26 8.65
N PRO A 160 -6.22 1.29 8.44
CA PRO A 160 -7.04 1.74 9.56
C PRO A 160 -7.80 0.57 10.17
N TYR A 161 -7.87 0.45 11.49
CA TYR A 161 -8.55 -0.73 12.08
C TYR A 161 -9.39 -0.57 13.35
N ASP A 162 -9.06 0.37 14.22
CA ASP A 162 -9.90 0.62 15.41
C ASP A 162 -10.59 1.98 15.33
N ILE A 163 -10.95 2.32 14.10
CA ILE A 163 -11.79 3.46 13.80
C ILE A 163 -12.84 2.82 12.94
N ASP A 164 -14.10 3.11 13.21
CA ASP A 164 -15.15 2.42 12.47
C ASP A 164 -15.19 2.97 11.05
N PRO A 165 -15.66 2.14 10.10
CA PRO A 165 -15.62 2.48 8.68
C PRO A 165 -16.22 3.84 8.30
N GLN A 166 -17.31 4.25 8.95
CA GLN A 166 -17.94 5.54 8.60
C GLN A 166 -17.09 6.73 9.06
N ALA A 167 -16.52 6.64 10.27
CA ALA A 167 -15.64 7.69 10.79
C ALA A 167 -14.37 7.76 9.98
N TRP A 168 -13.85 6.59 9.57
CA TRP A 168 -12.67 6.56 8.71
C TRP A 168 -12.97 7.22 7.36
N ALA A 169 -14.08 6.88 6.73
CA ALA A 169 -14.44 7.48 5.44
C ALA A 169 -14.51 9.00 5.50
N THR A 170 -15.01 9.55 6.61
CA THR A 170 -15.05 11.00 6.81
C THR A 170 -13.64 11.61 6.88
N ALA A 171 -12.74 10.97 7.64
CA ALA A 171 -11.35 11.37 7.71
C ALA A 171 -10.65 11.27 6.34
N ALA A 172 -10.85 10.14 5.65
CA ALA A 172 -10.26 9.93 4.33
C ALA A 172 -10.73 11.00 3.37
N GLN A 173 -12.02 11.28 3.39
CA GLN A 173 -12.59 12.31 2.51
C GLN A 173 -11.97 13.68 2.78
N ALA A 174 -11.76 14.00 4.05
CA ALA A 174 -11.17 15.28 4.41
C ALA A 174 -9.74 15.41 3.87
N SER A 175 -8.96 14.33 3.97
CA SER A 175 -7.59 14.35 3.46
C SER A 175 -7.56 14.41 1.91
N ILE A 176 -8.48 13.71 1.25
CA ILE A 176 -8.61 13.79 -0.22
C ILE A 176 -8.90 15.23 -0.64
N ASP A 177 -9.87 15.84 0.00
CA ASP A 177 -10.23 17.24 -0.31
C ASP A 177 -9.05 18.19 -0.08
N THR A 178 -8.32 17.98 1.00
CA THR A 178 -7.13 18.78 1.32
C THR A 178 -6.06 18.65 0.26
N ILE A 179 -5.80 17.41 -0.17
CA ILE A 179 -4.84 17.16 -1.23
C ILE A 179 -5.23 17.92 -2.50
N ARG A 180 -6.50 17.82 -2.88
CA ARG A 180 -6.97 18.47 -4.12
C ARG A 180 -6.95 19.98 -4.03
N LYS A 181 -7.17 20.51 -2.84
CA LYS A 181 -7.11 21.97 -2.67
C LYS A 181 -5.69 22.51 -2.90
N THR A 182 -4.65 21.68 -2.75
CA THR A 182 -3.27 22.10 -3.10
C THR A 182 -3.03 22.22 -4.60
N GLY A 183 -3.90 21.63 -5.40
CA GLY A 183 -3.73 21.57 -6.86
C GLY A 183 -3.05 20.30 -7.35
N ALA A 184 -2.59 19.47 -6.42
CA ALA A 184 -1.92 18.23 -6.77
C ALA A 184 -2.86 17.27 -7.50
N THR A 185 -2.40 16.76 -8.64
CA THR A 185 -3.17 15.87 -9.50
C THR A 185 -2.80 14.40 -9.37
N ASN A 186 -2.00 14.07 -8.37
CA ASN A 186 -1.53 12.70 -8.18
C ASN A 186 -2.65 11.71 -7.95
N LEU A 187 -2.38 10.46 -8.31
CA LEU A 187 -3.24 9.37 -7.96
C LEU A 187 -3.23 9.19 -6.44
N ILE A 188 -4.42 8.99 -5.89
CA ILE A 188 -4.59 8.72 -4.47
C ILE A 188 -5.13 7.31 -4.27
N LEU A 189 -4.53 6.55 -3.36
CA LEU A 189 -5.04 5.25 -2.95
C LEU A 189 -5.74 5.40 -1.59
N VAL A 190 -7.02 5.02 -1.56
CA VAL A 190 -7.92 5.26 -0.43
C VAL A 190 -8.31 3.92 0.17
N PRO A 191 -7.87 3.63 1.41
CA PRO A 191 -8.25 2.36 2.04
C PRO A 191 -9.60 2.48 2.75
N GLY A 192 -10.22 1.34 3.02
CA GLY A 192 -11.30 1.26 4.01
C GLY A 192 -10.71 1.04 5.39
N ALA A 193 -11.56 0.83 6.39
CA ALA A 193 -11.09 0.43 7.72
C ALA A 193 -11.12 -1.11 7.87
N LEU A 194 -11.11 -1.63 9.09
CA LEU A 194 -11.01 -3.08 9.32
C LEU A 194 -9.88 -3.72 8.52
N TRP A 195 -8.69 -3.10 8.61
CA TRP A 195 -7.47 -3.53 7.91
C TRP A 195 -7.60 -3.61 6.40
N THR A 196 -8.60 -2.89 5.88
CA THR A 196 -8.91 -2.80 4.45
C THR A 196 -8.81 -4.13 3.67
N GLY A 197 -9.28 -5.21 4.29
CA GLY A 197 -9.27 -6.53 3.66
C GLY A 197 -10.29 -6.60 2.54
N ALA A 198 -9.90 -7.09 1.37
CA ALA A 198 -10.86 -7.27 0.27
C ALA A 198 -11.98 -8.23 0.69
N HIS A 199 -11.58 -9.35 1.30
CA HIS A 199 -12.51 -10.37 1.82
C HIS A 199 -13.54 -9.90 2.88
N SER A 200 -13.21 -8.85 3.63
CA SER A 200 -14.05 -8.34 4.73
C SER A 200 -14.73 -7.01 4.41
N TRP A 201 -14.89 -6.70 3.12
CA TRP A 201 -15.47 -5.42 2.71
C TRP A 201 -16.89 -5.17 3.26
N TYR A 202 -17.65 -6.25 3.43
CA TYR A 202 -19.01 -6.18 3.99
C TYR A 202 -19.09 -6.51 5.48
N SER A 203 -17.96 -6.83 6.12
CA SER A 203 -17.92 -7.05 7.57
C SER A 203 -18.27 -5.77 8.32
N THR A 204 -18.79 -5.90 9.53
CA THR A 204 -19.35 -4.75 10.25
C THR A 204 -18.70 -4.47 11.60
N VAL A 205 -18.67 -3.18 11.95
CA VAL A 205 -18.36 -2.70 13.31
C VAL A 205 -19.58 -1.89 13.72
N ALA A 206 -20.33 -2.39 14.69
CA ALA A 206 -21.60 -1.78 15.12
C ALA A 206 -22.48 -1.45 13.90
N GLY A 207 -22.58 -2.43 13.01
CA GLY A 207 -23.38 -2.29 11.78
C GLY A 207 -22.73 -1.58 10.59
N GLN A 208 -21.62 -0.88 10.82
CA GLN A 208 -20.97 -0.07 9.77
C GLN A 208 -19.92 -0.88 9.03
N SER A 209 -19.89 -0.73 7.71
CA SER A 209 -19.00 -1.50 6.84
C SER A 209 -18.31 -0.61 5.84
N ASN A 210 -17.19 -1.11 5.31
CA ASN A 210 -16.55 -0.44 4.16
C ASN A 210 -17.47 -0.37 2.96
N ALA A 211 -18.27 -1.42 2.73
CA ALA A 211 -19.20 -1.45 1.60
C ALA A 211 -20.15 -0.26 1.57
N VAL A 212 -20.58 0.20 2.75
CA VAL A 212 -21.45 1.36 2.86
C VAL A 212 -20.60 2.64 2.89
N ALA A 213 -19.66 2.68 3.84
CA ALA A 213 -18.92 3.90 4.12
C ALA A 213 -18.10 4.41 2.93
N MET A 214 -17.50 3.48 2.19
CA MET A 214 -16.60 3.84 1.09
C MET A 214 -17.35 4.10 -0.22
N ALA A 215 -18.62 3.69 -0.31
CA ALA A 215 -19.44 3.96 -1.51
C ALA A 215 -19.59 5.44 -1.79
N SER A 216 -19.66 6.26 -0.74
CA SER A 216 -19.86 7.69 -0.89
C SER A 216 -18.56 8.49 -1.02
N ILE A 217 -17.40 7.84 -1.00
CA ILE A 217 -16.13 8.55 -1.23
C ILE A 217 -16.14 9.23 -2.58
N ARG A 218 -15.70 10.49 -2.59
CA ARG A 218 -15.58 11.28 -3.79
C ARG A 218 -14.17 11.90 -3.86
N ASP A 219 -13.77 12.25 -5.06
CA ASP A 219 -12.49 12.90 -5.32
C ASP A 219 -12.78 14.09 -6.20
N PRO A 220 -12.50 15.32 -5.74
CA PRO A 220 -12.68 16.50 -6.62
C PRO A 220 -12.02 16.46 -8.01
N LEU A 221 -10.92 15.71 -8.17
CA LEU A 221 -10.29 15.51 -9.49
C LEU A 221 -10.53 14.12 -10.10
N ASN A 222 -11.28 13.27 -9.43
CA ASN A 222 -11.61 11.93 -9.92
C ASN A 222 -10.40 11.13 -10.39
N ARG A 223 -9.36 11.04 -9.55
CA ARG A 223 -8.19 10.23 -9.85
C ARG A 223 -7.73 9.50 -8.60
N TYR A 224 -8.42 8.39 -8.32
CA TYR A 224 -8.16 7.61 -7.12
C TYR A 224 -8.52 6.16 -7.35
N ALA A 225 -8.08 5.29 -6.44
CA ALA A 225 -8.51 3.92 -6.40
C ALA A 225 -8.69 3.51 -4.95
N ILE A 226 -9.54 2.51 -4.74
CA ILE A 226 -9.76 1.94 -3.42
C ILE A 226 -8.66 0.92 -3.18
N GLU A 227 -7.97 1.07 -2.06
CA GLU A 227 -6.87 0.19 -1.70
C GLU A 227 -7.42 -0.93 -0.85
N ALA A 228 -7.15 -2.17 -1.27
CA ALA A 228 -7.49 -3.36 -0.51
C ALA A 228 -6.25 -4.21 -0.29
N HIS A 229 -6.24 -4.96 0.81
CA HIS A 229 -5.19 -5.92 1.10
C HIS A 229 -5.80 -7.31 1.13
N GLN A 230 -5.01 -8.33 0.77
CA GLN A 230 -5.54 -9.70 0.79
C GLN A 230 -4.45 -10.73 0.97
N TYR A 231 -4.58 -11.51 2.04
CA TYR A 231 -3.73 -12.67 2.28
C TYR A 231 -4.53 -13.96 2.15
N LEU A 232 -3.83 -15.05 1.90
CA LEU A 232 -4.44 -16.31 1.47
C LEU A 232 -4.37 -17.43 2.51
N ASP A 233 -3.90 -17.10 3.71
CA ASP A 233 -3.84 -18.08 4.80
C ASP A 233 -5.19 -18.15 5.52
N ALA A 234 -5.27 -18.95 6.57
CA ALA A 234 -6.56 -19.35 7.18
C ALA A 234 -7.51 -18.17 7.49
N ASP A 235 -6.97 -17.13 8.13
CA ASP A 235 -7.78 -15.95 8.53
C ASP A 235 -7.49 -14.65 7.73
N SER A 236 -6.83 -14.79 6.58
CA SER A 236 -6.41 -13.64 5.75
C SER A 236 -5.48 -12.63 6.44
N SER A 237 -4.83 -13.02 7.53
CA SER A 237 -3.92 -12.11 8.27
C SER A 237 -2.49 -12.12 7.71
N GLY A 238 -2.16 -13.09 6.86
CA GLY A 238 -0.78 -13.27 6.37
C GLY A 238 0.21 -13.63 7.46
N THR A 239 -0.28 -14.31 8.49
CA THR A 239 0.53 -14.84 9.60
C THR A 239 1.31 -16.08 9.17
N SER A 240 0.69 -16.90 8.32
CA SER A 240 1.24 -18.18 7.86
C SER A 240 1.61 -18.10 6.38
N GLY A 241 2.60 -18.89 5.96
CA GLY A 241 3.00 -19.02 4.55
C GLY A 241 2.17 -19.97 3.71
N GLY A 242 1.29 -20.76 4.32
CA GLY A 242 0.41 -21.66 3.59
C GLY A 242 -0.82 -20.97 3.03
N CYS A 243 -1.40 -21.55 1.97
CA CYS A 243 -2.63 -21.03 1.38
C CYS A 243 -3.75 -22.05 1.52
N VAL A 244 -4.97 -21.56 1.72
CA VAL A 244 -6.13 -22.42 2.02
C VAL A 244 -6.46 -23.35 0.84
N SER A 245 -6.40 -22.81 -0.38
CA SER A 245 -6.76 -23.54 -1.60
C SER A 245 -6.12 -22.91 -2.82
N ALA A 246 -6.23 -23.63 -3.93
CA ALA A 246 -5.73 -23.17 -5.23
C ALA A 246 -6.54 -22.04 -5.84
N THR A 247 -7.72 -21.77 -5.28
CA THR A 247 -8.61 -20.72 -5.77
C THR A 247 -9.01 -19.70 -4.70
N VAL A 248 -8.46 -19.80 -3.48
CA VAL A 248 -8.86 -18.93 -2.36
C VAL A 248 -8.61 -17.43 -2.60
N GLY A 249 -7.59 -17.10 -3.40
CA GLY A 249 -7.33 -15.71 -3.77
C GLY A 249 -8.46 -15.12 -4.56
N VAL A 250 -8.81 -15.80 -5.65
CA VAL A 250 -9.91 -15.40 -6.53
C VAL A 250 -11.21 -15.27 -5.72
N GLU A 251 -11.48 -16.28 -4.89
CA GLU A 251 -12.69 -16.30 -4.07
C GLU A 251 -12.79 -15.14 -3.08
N ARG A 252 -11.65 -14.76 -2.50
CA ARG A 252 -11.61 -13.66 -1.54
C ARG A 252 -11.58 -12.26 -2.17
N LEU A 253 -11.31 -12.19 -3.48
CA LEU A 253 -11.44 -10.95 -4.25
C LEU A 253 -12.81 -10.77 -4.91
N ARG A 254 -13.59 -11.83 -5.05
CA ARG A 254 -14.77 -11.78 -5.92
C ARG A 254 -15.83 -10.72 -5.52
N SER A 255 -16.29 -10.73 -4.26
CA SER A 255 -17.35 -9.78 -3.87
C SER A 255 -16.85 -8.33 -3.91
N PHE A 256 -15.60 -8.11 -3.48
CA PHE A 256 -14.99 -6.78 -3.58
C PHE A 256 -14.96 -6.28 -5.02
N THR A 257 -14.61 -7.18 -5.94
CA THR A 257 -14.55 -6.85 -7.37
C THR A 257 -15.90 -6.38 -7.90
N GLU A 258 -16.96 -7.12 -7.61
CA GLU A 258 -18.30 -6.71 -8.05
C GLU A 258 -18.78 -5.43 -7.35
N TRP A 259 -18.38 -5.24 -6.09
CA TRP A 259 -18.67 -4.00 -5.36
C TRP A 259 -18.04 -2.81 -6.09
N LEU A 260 -16.77 -2.95 -6.51
CA LEU A 260 -16.09 -1.89 -7.27
C LEU A 260 -16.87 -1.56 -8.54
N ARG A 261 -17.32 -2.60 -9.23
CA ARG A 261 -18.04 -2.45 -10.50
C ARG A 261 -19.37 -1.73 -10.31
N LEU A 262 -20.15 -2.16 -9.31
CA LEU A 262 -21.43 -1.51 -8.99
C LEU A 262 -21.26 -0.04 -8.61
N ASN A 263 -20.24 0.26 -7.81
CA ASN A 263 -20.00 1.62 -7.31
C ASN A 263 -19.09 2.48 -8.19
N LYS A 264 -18.77 1.97 -9.37
CA LYS A 264 -17.99 2.72 -10.38
C LYS A 264 -16.66 3.19 -9.82
N LYS A 265 -15.96 2.26 -9.16
CA LYS A 265 -14.68 2.54 -8.55
C LYS A 265 -13.63 1.56 -9.06
N ARG A 266 -12.37 1.90 -8.81
CA ARG A 266 -11.24 1.08 -9.21
C ARG A 266 -10.54 0.60 -7.95
N GLY A 267 -9.82 -0.51 -8.07
CA GLY A 267 -9.14 -1.16 -6.95
C GLY A 267 -7.63 -1.27 -7.15
N PHE A 268 -6.89 -1.18 -6.04
CA PHE A 268 -5.45 -1.42 -6.00
C PHE A 268 -5.18 -2.39 -4.88
N LEU A 269 -4.63 -3.56 -5.21
CA LEU A 269 -4.31 -4.57 -4.21
C LEU A 269 -2.90 -4.28 -3.68
N ALA A 270 -2.82 -3.36 -2.71
CA ALA A 270 -1.54 -2.79 -2.29
C ALA A 270 -0.70 -3.72 -1.41
N GLU A 271 -1.33 -4.73 -0.82
CA GLU A 271 -0.60 -5.80 -0.14
C GLU A 271 -1.27 -7.12 -0.44
N PHE A 272 -0.43 -8.08 -0.82
CA PHE A 272 -0.81 -9.50 -0.88
C PHE A 272 0.48 -10.29 -0.89
N GLY A 273 0.40 -11.54 -0.45
CA GLY A 273 1.57 -12.40 -0.41
C GLY A 273 1.17 -13.84 -0.23
N THR A 274 2.08 -14.73 -0.61
CA THR A 274 1.85 -16.19 -0.56
C THR A 274 3.21 -16.85 -0.34
N GLY A 275 3.22 -17.96 0.39
CA GLY A 275 4.44 -18.70 0.63
C GLY A 275 4.80 -19.57 -0.55
N ASN A 276 5.95 -20.23 -0.44
CA ASN A 276 6.45 -21.08 -1.50
C ASN A 276 5.93 -22.51 -1.36
N THR A 277 4.68 -22.70 -1.79
CA THR A 277 4.05 -24.04 -1.81
C THR A 277 3.31 -24.22 -3.13
N VAL A 278 3.05 -25.47 -3.48
CA VAL A 278 2.37 -25.81 -4.74
C VAL A 278 0.98 -25.18 -4.80
N THR A 279 0.23 -25.29 -3.70
CA THR A 279 -1.12 -24.70 -3.63
C THR A 279 -1.08 -23.18 -3.71
N CYS A 280 -0.16 -22.56 -2.96
CA CYS A 280 0.02 -21.10 -3.04
C CYS A 280 0.34 -20.63 -4.45
N ASN A 281 1.19 -21.37 -5.16
CA ASN A 281 1.54 -21.01 -6.54
C ASN A 281 0.34 -20.99 -7.47
N LEU A 282 -0.53 -21.99 -7.35
CA LEU A 282 -1.79 -22.01 -8.11
C LEU A 282 -2.70 -20.83 -7.74
N ALA A 283 -2.84 -20.60 -6.44
CA ALA A 283 -3.66 -19.48 -5.92
C ALA A 283 -3.14 -18.12 -6.39
N LEU A 284 -1.82 -17.93 -6.31
CA LEU A 284 -1.20 -16.68 -6.72
C LEU A 284 -1.43 -16.41 -8.20
N ASN A 285 -1.09 -17.39 -9.05
CA ASN A 285 -1.34 -17.31 -10.49
C ASN A 285 -2.77 -16.97 -10.83
N GLY A 286 -3.69 -17.69 -10.20
CA GLY A 286 -5.11 -17.46 -10.40
C GLY A 286 -5.55 -16.07 -10.02
N MET A 287 -5.09 -15.60 -8.87
CA MET A 287 -5.49 -14.27 -8.38
C MET A 287 -4.95 -13.17 -9.29
N LEU A 288 -3.71 -13.31 -9.75
CA LEU A 288 -3.13 -12.33 -10.68
C LEU A 288 -3.84 -12.36 -12.04
N GLY A 289 -4.16 -13.55 -12.54
CA GLY A 289 -4.96 -13.68 -13.76
C GLY A 289 -6.35 -13.11 -13.63
N TYR A 290 -6.97 -13.32 -12.48
CA TYR A 290 -8.29 -12.79 -12.19
C TYR A 290 -8.31 -11.26 -12.27
N MET A 291 -7.30 -10.61 -11.68
CA MET A 291 -7.23 -9.15 -11.75
C MET A 291 -7.08 -8.66 -13.20
N GLU A 292 -6.23 -9.31 -14.02
CA GLU A 292 -6.11 -8.89 -15.44
C GLU A 292 -7.41 -9.14 -16.24
N SER A 293 -8.11 -10.23 -15.92
CA SER A 293 -9.45 -10.49 -16.50
C SER A 293 -10.54 -9.52 -16.04
N ASN A 294 -10.31 -8.81 -14.93
CA ASN A 294 -11.23 -7.81 -14.39
C ASN A 294 -10.58 -6.44 -14.27
N SER A 295 -9.86 -6.06 -15.33
CA SER A 295 -9.11 -4.80 -15.39
C SER A 295 -10.00 -3.56 -15.60
N ASP A 296 -11.30 -3.74 -15.85
CA ASP A 296 -12.24 -2.62 -15.82
C ASP A 296 -12.29 -1.98 -14.41
N VAL A 297 -12.04 -2.78 -13.38
CA VAL A 297 -11.98 -2.25 -12.02
C VAL A 297 -10.59 -2.35 -11.36
N TRP A 298 -9.84 -3.41 -11.61
CA TRP A 298 -8.50 -3.55 -11.01
C TRP A 298 -7.48 -2.73 -11.80
N MET A 299 -6.79 -1.83 -11.09
CA MET A 299 -5.83 -0.88 -11.66
C MET A 299 -4.37 -1.23 -11.33
N GLY A 300 -4.14 -1.98 -10.26
CA GLY A 300 -2.77 -2.30 -9.88
C GLY A 300 -2.66 -3.22 -8.69
N TRP A 301 -1.45 -3.71 -8.47
CA TRP A 301 -1.13 -4.51 -7.29
C TRP A 301 0.32 -4.34 -6.89
N SER A 302 0.60 -4.63 -5.61
CA SER A 302 1.95 -4.60 -5.09
C SER A 302 2.12 -5.66 -4.00
N TRP A 303 3.05 -6.57 -4.26
CA TRP A 303 3.36 -7.70 -3.40
C TRP A 303 3.97 -7.26 -2.08
N TRP A 304 3.58 -7.94 -1.00
CA TRP A 304 4.22 -7.78 0.31
C TRP A 304 5.05 -9.04 0.56
N ALA A 305 6.39 -8.97 0.63
CA ALA A 305 7.20 -7.75 0.50
C ALA A 305 8.62 -8.13 0.12
N ALA A 306 9.44 -7.11 -0.13
CA ALA A 306 10.88 -7.26 -0.21
C ALA A 306 11.51 -6.18 0.68
N GLY A 307 12.81 -6.01 0.59
CA GLY A 307 13.56 -5.13 1.49
C GLY A 307 14.72 -5.92 2.06
N ALA A 308 15.81 -5.22 2.34
CA ALA A 308 17.08 -5.85 2.67
C ALA A 308 17.14 -6.50 4.06
N TRP A 309 16.24 -6.15 4.97
CA TRP A 309 16.32 -6.60 6.37
C TRP A 309 15.33 -7.68 6.81
N TRP A 310 14.61 -8.30 5.86
CA TRP A 310 13.73 -9.41 6.20
C TRP A 310 14.58 -10.60 6.63
N SER A 311 14.07 -11.36 7.61
CA SER A 311 14.74 -12.57 8.07
C SER A 311 14.62 -13.67 7.00
N GLY A 312 15.48 -14.68 7.12
CA GLY A 312 15.50 -15.81 6.19
C GLY A 312 14.25 -16.67 6.23
N ALA A 313 13.58 -16.70 7.38
CA ALA A 313 12.34 -17.47 7.55
C ALA A 313 11.11 -16.76 7.03
N TYR A 314 11.20 -15.47 6.68
CA TYR A 314 10.00 -14.74 6.27
C TYR A 314 9.43 -15.31 4.95
N PRO A 315 8.22 -15.91 5.01
CA PRO A 315 7.72 -16.67 3.85
C PRO A 315 7.41 -15.87 2.59
N PHE A 316 7.15 -14.57 2.73
CA PHE A 316 6.76 -13.74 1.59
C PHE A 316 7.91 -12.92 1.01
N ASN A 317 9.13 -13.10 1.53
CA ASN A 317 10.25 -12.27 1.13
C ASN A 317 10.70 -12.56 -0.29
N VAL A 318 10.65 -11.55 -1.17
CA VAL A 318 11.13 -11.70 -2.55
C VAL A 318 12.39 -10.87 -2.81
N GLN A 319 13.04 -10.43 -1.75
CA GLN A 319 14.38 -9.83 -1.85
C GLN A 319 15.33 -10.91 -2.37
N PRO A 320 16.14 -10.60 -3.40
CA PRO A 320 17.11 -11.60 -3.86
C PRO A 320 18.09 -11.99 -2.75
N ASP A 321 18.60 -13.22 -2.81
CA ASP A 321 19.52 -13.72 -1.78
C ASP A 321 20.94 -13.09 -1.93
N ALA A 322 21.86 -13.50 -1.06
CA ALA A 322 23.25 -12.97 -1.08
C ALA A 322 24.01 -13.15 -2.40
N GLN A 323 23.58 -14.10 -3.23
CA GLN A 323 24.18 -14.35 -4.56
C GLN A 323 23.46 -13.59 -5.68
N GLY A 324 22.41 -12.83 -5.33
CA GLY A 324 21.58 -12.15 -6.32
C GLY A 324 20.54 -13.03 -7.02
N ARG A 325 20.27 -14.22 -6.50
CA ARG A 325 19.30 -15.13 -7.13
CA ARG A 325 19.31 -15.14 -7.12
C ARG A 325 17.87 -14.80 -6.73
N ASP A 326 16.96 -14.97 -7.69
CA ASP A 326 15.53 -14.71 -7.48
C ASP A 326 14.96 -15.66 -6.43
N LYS A 327 14.01 -15.15 -5.66
CA LYS A 327 13.22 -16.00 -4.77
C LYS A 327 12.15 -16.75 -5.58
N PRO A 328 11.65 -17.88 -5.05
CA PRO A 328 10.72 -18.75 -5.80
C PRO A 328 9.49 -18.04 -6.39
N GLN A 329 8.84 -17.20 -5.60
CA GLN A 329 7.59 -16.57 -6.04
C GLN A 329 7.78 -15.60 -7.20
N MET A 330 9.00 -15.10 -7.40
CA MET A 330 9.29 -14.20 -8.52
C MET A 330 9.07 -14.83 -9.90
N SER A 331 9.20 -16.15 -10.00
CA SER A 331 8.95 -16.84 -11.29
C SER A 331 7.48 -16.74 -11.72
N ILE A 332 6.58 -16.46 -10.78
CA ILE A 332 5.18 -16.15 -11.08
C ILE A 332 4.95 -14.64 -11.18
N LEU A 333 5.48 -13.87 -10.25
CA LEU A 333 5.25 -12.42 -10.22
C LEU A 333 5.82 -11.70 -11.44
N SER A 334 7.00 -12.14 -11.88
CA SER A 334 7.70 -11.45 -12.98
C SER A 334 6.95 -11.53 -14.33
N PRO A 335 6.56 -12.73 -14.79
CA PRO A 335 5.79 -12.77 -16.06
C PRO A 335 4.42 -12.06 -15.97
N ARG A 336 3.79 -12.09 -14.80
CA ARG A 336 2.51 -11.37 -14.61
C ARG A 336 2.73 -9.86 -14.65
N ALA A 337 3.79 -9.39 -13.99
CA ALA A 337 4.18 -7.99 -14.08
C ALA A 337 4.49 -7.56 -15.52
N ARG A 338 5.19 -8.43 -16.25
CA ARG A 338 5.55 -8.14 -17.65
C ARG A 338 4.32 -7.90 -18.54
N ARG A 339 3.28 -8.69 -18.37
CA ARG A 339 2.01 -8.49 -19.10
C ARG A 339 1.40 -7.11 -18.84
N ILE A 340 1.60 -6.60 -17.62
CA ILE A 340 1.12 -5.27 -17.24
C ILE A 340 2.02 -4.15 -17.79
N THR A 341 3.34 -4.31 -17.66
CA THR A 341 4.29 -3.20 -17.89
C THR A 341 4.88 -3.11 -19.30
N ASP A 342 4.93 -4.21 -20.05
CA ASP A 342 5.63 -4.20 -21.36
C ASP A 342 4.87 -3.45 -22.47
S SO4 B . -4.10 6.32 -13.08
O1 SO4 B . -5.06 7.23 -12.40
O2 SO4 B . -4.08 6.63 -14.53
O3 SO4 B . -2.74 6.53 -12.53
O4 SO4 B . -4.52 4.92 -12.91
#